data_3RKQ
#
_entry.id   3RKQ
#
_cell.length_a   71.450
_cell.length_b   71.450
_cell.length_c   94.330
_cell.angle_alpha   90.00
_cell.angle_beta   90.00
_cell.angle_gamma   120.00
#
_symmetry.space_group_name_H-M   'P 65'
#
loop_
_entity.id
_entity.type
_entity.pdbx_description
1 polymer 'Homeobox protein Nkx-2.5'
2 polymer 'ANF-242 DNA'
3 polymer 'ANF-242 DNA'
4 non-polymer 'MAGNESIUM ION'
5 water water
#
loop_
_entity_poly.entity_id
_entity_poly.type
_entity_poly.pdbx_seq_one_letter_code
_entity_poly.pdbx_strand_id
1 'polypeptide(L)' GRRKPRVLFSQAQVYELERRFKQQRYLSAPERDQLASVLKLTSTQVKIWFQNRRYKSK A,B
2 'polydeoxyribonucleotide' (DT)(DG)(DA)(DA)(DG)(DT)(DG)(DG)(DG)(DG)(DG)(DC)(DC)(DT)(DC)(DT)(DT)(DG)(DA) C
3 'polydeoxyribonucleotide' (DT)(DC)(DA)(DA)(DG)(DA)(DG)(DG)(DC)(DC)(DC)(DC)(DC)(DA)(DC)(DT)(DT)(DC)(DA) D
#
loop_
_chem_comp.id
_chem_comp.type
_chem_comp.name
_chem_comp.formula
DA DNA linking 2'-DEOXYADENOSINE-5'-MONOPHOSPHATE 'C10 H14 N5 O6 P'
DC DNA linking 2'-DEOXYCYTIDINE-5'-MONOPHOSPHATE 'C9 H14 N3 O7 P'
DG DNA linking 2'-DEOXYGUANOSINE-5'-MONOPHOSPHATE 'C10 H14 N5 O7 P'
DT DNA linking THYMIDINE-5'-MONOPHOSPHATE 'C10 H15 N2 O8 P'
MG non-polymer 'MAGNESIUM ION' 'Mg 2'
#
# COMPACT_ATOMS: atom_id res chain seq x y z
N GLY A 1 -4.04 -8.19 -34.51
CA GLY A 1 -5.14 -7.21 -34.66
C GLY A 1 -4.74 -5.80 -34.24
N ARG A 2 -5.58 -4.82 -34.53
CA ARG A 2 -5.29 -3.45 -34.16
C ARG A 2 -5.42 -3.31 -32.63
N ARG A 3 -4.53 -2.53 -32.03
CA ARG A 3 -4.58 -2.30 -30.59
C ARG A 3 -4.41 -0.82 -30.33
N LYS A 4 -4.97 -0.33 -29.22
CA LYS A 4 -4.90 1.09 -28.91
C LYS A 4 -3.48 1.64 -28.91
N PRO A 5 -3.27 2.83 -29.49
CA PRO A 5 -1.94 3.44 -29.55
C PRO A 5 -1.51 4.19 -28.28
N ARG A 6 -0.20 4.19 -28.04
CA ARG A 6 0.37 4.89 -26.90
C ARG A 6 0.36 6.36 -27.33
N VAL A 7 -0.23 7.23 -26.52
CA VAL A 7 -0.25 8.65 -26.84
C VAL A 7 0.71 9.40 -25.92
N LEU A 8 1.56 10.22 -26.52
CA LEU A 8 2.53 11.00 -25.77
C LEU A 8 1.82 12.09 -24.98
N PHE A 9 2.47 12.55 -23.92
CA PHE A 9 1.92 13.62 -23.11
C PHE A 9 2.45 14.93 -23.69
N SER A 10 1.62 15.96 -23.67
CA SER A 10 2.00 17.26 -24.22
C SER A 10 3.11 17.92 -23.43
N GLN A 11 3.77 18.88 -24.06
CA GLN A 11 4.84 19.58 -23.40
C GLN A 11 4.28 20.18 -22.12
N ALA A 12 3.07 20.73 -22.20
CA ALA A 12 2.42 21.35 -21.05
C ALA A 12 2.15 20.34 -19.93
N GLN A 13 1.69 19.14 -20.27
CA GLN A 13 1.42 18.11 -19.27
C GLN A 13 2.72 17.65 -18.59
N VAL A 14 3.74 17.36 -19.39
CA VAL A 14 5.02 16.90 -18.85
C VAL A 14 5.65 17.97 -17.97
N TYR A 15 5.46 19.24 -18.36
CA TYR A 15 6.02 20.35 -17.60
C TYR A 15 5.39 20.37 -16.20
N GLU A 16 4.08 20.19 -16.15
CA GLU A 16 3.36 20.17 -14.87
C GLU A 16 3.73 18.94 -14.04
N LEU A 17 3.93 17.80 -14.71
CA LEU A 17 4.30 16.57 -14.02
C LEU A 17 5.69 16.72 -13.40
N GLU A 18 6.62 17.27 -14.18
CA GLU A 18 8.00 17.49 -13.70
C GLU A 18 8.02 18.53 -12.59
N ARG A 19 7.06 19.46 -12.60
CA ARG A 19 6.98 20.49 -11.57
C ARG A 19 6.60 19.84 -10.25
N ARG A 20 5.55 19.02 -10.28
CA ARG A 20 5.08 18.32 -9.08
C ARG A 20 6.14 17.34 -8.57
N PHE A 21 6.86 16.68 -9.49
CA PHE A 21 7.89 15.72 -9.12
C PHE A 21 9.04 16.36 -8.33
N LYS A 22 9.30 17.64 -8.59
CA LYS A 22 10.35 18.36 -7.88
C LYS A 22 9.84 18.70 -6.49
N GLN A 23 8.52 18.58 -6.28
CA GLN A 23 7.92 18.84 -4.98
C GLN A 23 7.72 17.55 -4.20
N GLN A 24 7.38 16.48 -4.91
CA GLN A 24 7.11 15.17 -4.29
C GLN A 24 7.48 14.02 -5.23
N ARG A 25 8.28 13.08 -4.72
CA ARG A 25 8.68 11.92 -5.50
C ARG A 25 7.55 10.89 -5.54
N TYR A 26 6.66 10.98 -4.57
CA TYR A 26 5.51 10.08 -4.46
C TYR A 26 4.26 10.89 -4.12
N LEU A 27 3.12 10.40 -4.59
CA LEU A 27 1.82 11.06 -4.35
C LEU A 27 0.84 10.07 -3.74
N SER A 28 -0.14 10.58 -3.01
CA SER A 28 -1.17 9.75 -2.42
C SER A 28 -2.27 9.66 -3.49
N ALA A 29 -3.26 8.81 -3.26
CA ALA A 29 -4.36 8.65 -4.22
C ALA A 29 -5.10 9.97 -4.46
N PRO A 30 -5.38 10.74 -3.39
CA PRO A 30 -6.08 12.01 -3.58
C PRO A 30 -5.23 12.99 -4.39
N GLU A 31 -3.92 12.96 -4.16
CA GLU A 31 -2.99 13.84 -4.87
C GLU A 31 -2.87 13.43 -6.33
N ARG A 32 -2.89 12.12 -6.57
CA ARG A 32 -2.78 11.57 -7.93
C ARG A 32 -4.04 11.82 -8.76
N ASP A 33 -5.20 11.78 -8.11
CA ASP A 33 -6.46 12.00 -8.80
C ASP A 33 -6.66 13.47 -9.10
N GLN A 34 -6.24 14.34 -8.19
CA GLN A 34 -6.40 15.76 -8.40
C GLN A 34 -5.49 16.23 -9.53
N LEU A 35 -4.31 15.64 -9.65
CA LEU A 35 -3.37 16.00 -10.72
C LEU A 35 -3.86 15.45 -12.04
N ALA A 36 -4.41 14.24 -12.03
CA ALA A 36 -4.92 13.61 -13.23
C ALA A 36 -6.05 14.47 -13.79
N SER A 37 -6.97 14.86 -12.92
CA SER A 37 -8.10 15.69 -13.36
C SER A 37 -7.58 16.94 -14.07
N VAL A 38 -6.66 17.63 -13.40
CA VAL A 38 -6.04 18.86 -13.92
C VAL A 38 -5.39 18.71 -15.29
N LEU A 39 -4.66 17.62 -15.50
CA LEU A 39 -3.95 17.37 -16.76
C LEU A 39 -4.71 16.64 -17.87
N LYS A 40 -5.93 16.21 -17.58
CA LYS A 40 -6.74 15.48 -18.57
C LYS A 40 -6.17 14.08 -18.85
N LEU A 41 -5.61 13.45 -17.82
CA LEU A 41 -5.06 12.09 -17.93
C LEU A 41 -5.74 11.28 -16.84
N THR A 42 -5.72 9.96 -16.96
CA THR A 42 -6.37 9.13 -15.93
C THR A 42 -5.42 9.05 -14.74
N SER A 43 -5.93 8.59 -13.61
CA SER A 43 -5.10 8.48 -12.42
C SER A 43 -4.02 7.42 -12.59
N THR A 44 -4.30 6.43 -13.42
CA THR A 44 -3.32 5.35 -13.66
C THR A 44 -2.14 5.90 -14.45
N GLN A 45 -2.43 6.71 -15.46
CA GLN A 45 -1.35 7.28 -16.27
C GLN A 45 -0.46 8.14 -15.40
N VAL A 46 -1.05 8.86 -14.47
CA VAL A 46 -0.26 9.72 -13.57
C VAL A 46 0.57 8.82 -12.66
N LYS A 47 -0.09 7.81 -12.08
CA LYS A 47 0.57 6.85 -11.20
C LYS A 47 1.75 6.21 -11.92
N ILE A 48 1.51 5.79 -13.17
CA ILE A 48 2.54 5.16 -13.99
C ILE A 48 3.66 6.14 -14.38
N TRP A 49 3.33 7.42 -14.54
CA TRP A 49 4.33 8.41 -14.91
C TRP A 49 5.30 8.65 -13.74
N PHE A 50 4.76 8.74 -12.53
CA PHE A 50 5.61 8.94 -11.34
C PHE A 50 6.48 7.72 -11.10
N GLN A 51 5.93 6.55 -11.38
CA GLN A 51 6.63 5.28 -11.22
C GLN A 51 7.83 5.29 -12.16
N ASN A 52 7.56 5.56 -13.43
CA ASN A 52 8.60 5.62 -14.46
C ASN A 52 9.61 6.72 -14.19
N ARG A 53 9.13 7.89 -13.78
CA ARG A 53 10.02 9.02 -13.51
C ARG A 53 11.00 8.67 -12.41
N ARG A 54 10.51 8.01 -11.37
CA ARG A 54 11.36 7.60 -10.26
C ARG A 54 12.44 6.61 -10.72
N TYR A 55 12.04 5.60 -11.48
CA TYR A 55 13.00 4.61 -11.98
C TYR A 55 14.11 5.29 -12.78
N LYS A 56 13.74 6.26 -13.61
CA LYS A 56 14.69 7.00 -14.45
C LYS A 56 15.54 7.96 -13.63
N SER A 57 15.04 8.35 -12.47
CA SER A 57 15.77 9.26 -11.58
C SER A 57 16.97 8.51 -11.01
N LYS A 58 16.90 7.18 -11.05
CA LYS A 58 17.97 6.32 -10.54
C LYS A 58 19.08 6.16 -11.57
N GLY B 1 -2.64 -35.20 0.23
CA GLY B 1 -1.45 -35.65 1.00
C GLY B 1 -1.42 -35.02 2.38
N ARG B 2 -0.32 -35.19 3.09
CA ARG B 2 -0.17 -34.59 4.42
C ARG B 2 0.01 -33.09 4.27
N ARG B 3 -0.61 -32.33 5.16
CA ARG B 3 -0.49 -30.87 5.13
C ARG B 3 -0.20 -30.33 6.52
N LYS B 4 0.29 -29.10 6.59
CA LYS B 4 0.60 -28.49 7.88
C LYS B 4 -0.71 -28.06 8.57
N PRO B 5 -0.89 -28.47 9.84
CA PRO B 5 -2.10 -28.13 10.62
C PRO B 5 -2.15 -26.69 11.12
N ARG B 6 -3.36 -26.15 11.20
CA ARG B 6 -3.54 -24.79 11.72
C ARG B 6 -3.30 -24.92 13.22
N VAL B 7 -2.54 -24.00 13.79
CA VAL B 7 -2.29 -24.01 15.21
C VAL B 7 -2.93 -22.76 15.80
N LEU B 8 -3.75 -22.97 16.82
CA LEU B 8 -4.47 -21.90 17.49
C LEU B 8 -3.52 -21.02 18.30
N PHE B 9 -3.87 -19.74 18.40
CA PHE B 9 -3.09 -18.79 19.17
C PHE B 9 -3.49 -18.99 20.63
N SER B 10 -2.51 -18.97 21.52
CA SER B 10 -2.74 -19.19 22.96
C SER B 10 -3.53 -18.07 23.61
N GLN B 11 -3.93 -18.31 24.86
CA GLN B 11 -4.69 -17.31 25.57
C GLN B 11 -3.86 -16.03 25.71
N ALA B 12 -2.58 -16.19 25.96
CA ALA B 12 -1.69 -15.05 26.12
C ALA B 12 -1.55 -14.27 24.80
N GLN B 13 -1.29 -14.99 23.71
CA GLN B 13 -1.14 -14.35 22.41
C GLN B 13 -2.41 -13.60 21.99
N VAL B 14 -3.57 -14.24 22.15
CA VAL B 14 -4.83 -13.61 21.79
C VAL B 14 -5.08 -12.37 22.66
N TYR B 15 -4.80 -12.47 23.95
CA TYR B 15 -4.99 -11.34 24.85
C TYR B 15 -4.21 -10.11 24.40
N GLU B 16 -2.95 -10.31 24.04
CA GLU B 16 -2.11 -9.19 23.61
C GLU B 16 -2.55 -8.64 22.25
N LEU B 17 -2.95 -9.52 21.35
CA LEU B 17 -3.42 -9.06 20.04
C LEU B 17 -4.64 -8.16 20.27
N GLU B 18 -5.55 -8.61 21.14
CA GLU B 18 -6.77 -7.87 21.46
C GLU B 18 -6.45 -6.56 22.18
N ARG B 19 -5.50 -6.61 23.11
CA ARG B 19 -5.09 -5.42 23.85
C ARG B 19 -4.55 -4.38 22.88
N ARG B 20 -3.82 -4.83 21.85
CA ARG B 20 -3.28 -3.91 20.86
C ARG B 20 -4.38 -3.42 19.94
N PHE B 21 -5.33 -4.31 19.62
CA PHE B 21 -6.43 -3.94 18.74
C PHE B 21 -7.26 -2.82 19.37
N LYS B 22 -7.32 -2.79 20.69
CA LYS B 22 -8.09 -1.75 21.40
C LYS B 22 -7.45 -0.38 21.22
N GLN B 23 -6.17 -0.36 20.84
CA GLN B 23 -5.45 0.89 20.65
C GLN B 23 -5.30 1.25 19.16
N GLN B 24 -5.20 0.24 18.31
CA GLN B 24 -5.07 0.43 16.87
C GLN B 24 -5.73 -0.71 16.10
N ARG B 25 -6.60 -0.37 15.16
CA ARG B 25 -7.28 -1.37 14.33
C ARG B 25 -6.34 -1.77 13.19
N TYR B 26 -5.45 -0.87 12.83
CA TYR B 26 -4.48 -1.11 11.76
C TYR B 26 -3.06 -0.91 12.27
N LEU B 27 -2.18 -1.81 11.85
CA LEU B 27 -0.78 -1.76 12.23
C LEU B 27 0.06 -1.55 10.97
N SER B 28 1.11 -0.73 11.10
CA SER B 28 2.02 -0.47 9.99
C SER B 28 2.97 -1.65 9.90
N ALA B 29 3.69 -1.73 8.78
CA ALA B 29 4.66 -2.81 8.54
C ALA B 29 5.61 -3.00 9.74
N PRO B 30 6.22 -1.91 10.24
CA PRO B 30 7.14 -1.99 11.38
C PRO B 30 6.47 -2.57 12.63
N GLU B 31 5.29 -2.04 12.96
CA GLU B 31 4.55 -2.46 14.13
C GLU B 31 4.17 -3.94 14.10
N ARG B 32 3.82 -4.45 12.93
CA ARG B 32 3.47 -5.88 12.82
C ARG B 32 4.70 -6.71 13.16
N ASP B 33 5.82 -6.39 12.53
CA ASP B 33 7.08 -7.09 12.76
C ASP B 33 7.42 -7.11 14.25
N GLN B 34 7.26 -5.96 14.92
CA GLN B 34 7.59 -5.88 16.34
C GLN B 34 6.67 -6.76 17.16
N LEU B 35 5.36 -6.63 16.96
CA LEU B 35 4.41 -7.44 17.72
C LEU B 35 4.61 -8.93 17.45
N ALA B 36 4.95 -9.28 16.21
CA ALA B 36 5.19 -10.68 15.84
C ALA B 36 6.36 -11.24 16.66
N SER B 37 7.33 -10.37 16.96
CA SER B 37 8.49 -10.77 17.73
C SER B 37 8.11 -10.96 19.20
N VAL B 38 7.28 -10.05 19.71
CA VAL B 38 6.81 -10.11 21.08
C VAL B 38 5.92 -11.34 21.31
N LEU B 39 5.12 -11.69 20.31
CA LEU B 39 4.20 -12.82 20.41
C LEU B 39 4.80 -14.15 19.97
N LYS B 40 5.93 -14.07 19.27
CA LYS B 40 6.59 -15.26 18.73
C LYS B 40 5.72 -15.90 17.65
N LEU B 41 5.18 -15.05 16.79
CA LEU B 41 4.34 -15.44 15.65
C LEU B 41 5.01 -14.82 14.43
N THR B 42 4.51 -15.12 13.23
CA THR B 42 5.10 -14.54 12.04
C THR B 42 4.41 -13.22 11.72
N SER B 43 5.11 -12.33 11.02
CA SER B 43 4.56 -11.03 10.65
C SER B 43 3.21 -11.22 9.97
N THR B 44 3.17 -12.17 9.04
CA THR B 44 1.97 -12.49 8.29
C THR B 44 0.82 -12.91 9.18
N GLN B 45 1.13 -13.71 10.20
CA GLN B 45 0.09 -14.17 11.13
C GLN B 45 -0.56 -12.99 11.84
N VAL B 46 0.27 -12.03 12.25
CA VAL B 46 -0.22 -10.83 12.93
C VAL B 46 -1.07 -10.01 11.95
N LYS B 47 -0.60 -9.91 10.71
CA LYS B 47 -1.31 -9.18 9.65
C LYS B 47 -2.69 -9.80 9.40
N ILE B 48 -2.74 -11.12 9.28
CA ILE B 48 -4.00 -11.81 9.02
C ILE B 48 -4.93 -11.75 10.24
N TRP B 49 -4.37 -11.84 11.45
CA TRP B 49 -5.20 -11.77 12.66
C TRP B 49 -5.96 -10.43 12.70
N PHE B 50 -5.24 -9.34 12.42
CA PHE B 50 -5.84 -7.99 12.42
C PHE B 50 -6.86 -7.87 11.31
N GLN B 51 -6.55 -8.45 10.15
CA GLN B 51 -7.46 -8.45 9.02
C GLN B 51 -8.77 -9.16 9.35
N ASN B 52 -8.67 -10.34 9.96
CA ASN B 52 -9.88 -11.09 10.34
C ASN B 52 -10.58 -10.37 11.48
N ARG B 53 -9.80 -9.71 12.34
CA ARG B 53 -10.36 -9.00 13.49
C ARG B 53 -11.20 -7.79 13.05
N ARG B 54 -10.71 -7.07 12.03
CA ARG B 54 -11.44 -5.91 11.51
C ARG B 54 -12.72 -6.43 10.84
N TYR B 55 -12.63 -7.60 10.19
CA TYR B 55 -13.78 -8.18 9.50
C TYR B 55 -14.84 -8.66 10.48
N LYS B 56 -14.39 -9.39 11.51
CA LYS B 56 -15.26 -9.92 12.55
C LYS B 56 -16.01 -8.80 13.24
N SER B 57 -15.30 -7.72 13.57
CA SER B 57 -15.90 -6.58 14.23
C SER B 57 -16.69 -5.74 13.23
MG MG E . -7.73 -26.49 14.95
#